data_4HXC
#
_entry.id   4HXC
#
_cell.length_a   91.537
_cell.length_b   91.537
_cell.length_c   99.260
_cell.angle_alpha   90.000
_cell.angle_beta   90.000
_cell.angle_gamma   90.000
#
_symmetry.space_group_name_H-M   'P 43 21 2'
#
loop_
_entity.id
_entity.type
_entity.pdbx_description
1 polymer 'putative glycosyl hydrolase'
2 non-polymer 1,2-ETHANEDIOL
3 non-polymer 'TRIETHYLENE GLYCOL'
4 non-polymer DI(HYDROXYETHYL)ETHER
5 water water
#
_entity_poly.entity_id   1
_entity_poly.type   'polypeptide(L)'
_entity_poly.pdbx_seq_one_letter_code
;GTEEAAAPTTTAVSYSKSLKAPETDSLNLPIDADGYITIFDGKSLDGWRGYGKDKVPSRWIIEDGCLKFCGTGTGEGQTG
EGGDLIFAHKFKNFELELEWKISKGGNSGIFYLAQEVTSKDKDGNEVLEPIYISAPEFQVLDNANHPDAKLGKDNNRQAA
SLYD(MSE)IPAVPQNAKPFGEWNKAKI(MSE)VYKGTVVHGQNDENVLEYHLWTKQWTE(MSE)LQASKFSEEKWPLAF
ELLNNCGGENHEGFIGVQDHGDDVWYRNIRVKVLD
;
_entity_poly.pdbx_strand_id   A
#
loop_
_chem_comp.id
_chem_comp.type
_chem_comp.name
_chem_comp.formula
EDO non-polymer 1,2-ETHANEDIOL 'C2 H6 O2'
PEG non-polymer DI(HYDROXYETHYL)ETHER 'C4 H10 O3'
PGE non-polymer 'TRIETHYLENE GLYCOL' 'C6 H14 O4'
#
# COMPACT_ATOMS: atom_id res chain seq x y z
N THR A 9 -0.62 8.14 -26.16
CA THR A 9 -0.75 9.23 -25.19
C THR A 9 -0.12 8.78 -23.84
N THR A 10 0.83 9.60 -23.35
CA THR A 10 1.63 9.41 -22.13
C THR A 10 1.73 10.70 -21.34
N THR A 11 2.24 10.61 -20.09
CA THR A 11 2.48 11.76 -19.22
C THR A 11 3.79 11.54 -18.47
N ALA A 12 4.49 12.64 -18.16
CA ALA A 12 5.75 12.63 -17.43
C ALA A 12 5.48 12.41 -15.94
N VAL A 13 5.99 11.31 -15.41
CA VAL A 13 5.80 10.97 -14.01
C VAL A 13 7.16 10.96 -13.35
N SER A 14 7.33 11.85 -12.38
CA SER A 14 8.57 11.96 -11.63
C SER A 14 8.71 10.77 -10.66
N TYR A 15 9.95 10.35 -10.36
CA TYR A 15 10.18 9.25 -9.44
C TYR A 15 11.55 9.40 -8.76
N SER A 16 11.69 8.86 -7.54
CA SER A 16 12.96 8.85 -6.79
C SER A 16 13.64 7.47 -6.94
N LYS A 17 14.97 7.43 -6.92
CA LYS A 17 15.73 6.22 -7.18
C LYS A 17 16.26 5.52 -5.91
N SER A 18 16.27 6.21 -4.75
CA SER A 18 16.79 5.64 -3.49
C SER A 18 16.15 6.33 -2.29
N LEU A 19 16.43 5.80 -1.07
CA LEU A 19 15.91 6.30 0.21
C LEU A 19 15.96 7.84 0.31
N LYS A 20 14.77 8.46 0.48
CA LYS A 20 14.56 9.92 0.62
C LYS A 20 15.16 10.78 -0.52
N ALA A 21 15.54 10.18 -1.67
CA ALA A 21 16.11 10.94 -2.80
C ALA A 21 15.05 11.84 -3.46
N PRO A 22 15.40 12.98 -4.09
CA PRO A 22 14.36 13.79 -4.75
C PRO A 22 13.89 13.13 -6.04
N GLU A 23 12.70 13.50 -6.52
CA GLU A 23 12.14 12.92 -7.74
C GLU A 23 12.75 13.65 -8.96
N THR A 24 14.09 13.49 -9.13
CA THR A 24 14.90 14.12 -10.19
C THR A 24 14.63 13.51 -11.55
N ASP A 25 14.20 12.25 -11.59
CA ASP A 25 13.99 11.53 -12.84
C ASP A 25 12.51 11.42 -13.20
N SER A 26 12.22 11.08 -14.46
CA SER A 26 10.87 11.03 -15.02
C SER A 26 10.67 9.86 -15.98
N LEU A 27 9.42 9.38 -16.08
CA LEU A 27 8.99 8.30 -16.97
C LEU A 27 7.83 8.77 -17.82
N ASN A 28 7.73 8.29 -19.05
CA ASN A 28 6.59 8.65 -19.89
C ASN A 28 5.68 7.44 -19.84
N LEU A 29 4.63 7.54 -19.02
CA LEU A 29 3.74 6.41 -18.79
C LEU A 29 2.40 6.57 -19.51
N PRO A 30 1.74 5.46 -19.93
CA PRO A 30 0.41 5.60 -20.58
C PRO A 30 -0.65 6.22 -19.69
N ILE A 31 -1.38 7.20 -20.24
CA ILE A 31 -2.51 7.85 -19.58
C ILE A 31 -3.73 7.68 -20.50
N ASP A 32 -4.83 7.14 -19.98
CA ASP A 32 -6.04 6.92 -20.77
C ASP A 32 -6.86 8.23 -20.88
N ALA A 33 -7.96 8.19 -21.67
CA ALA A 33 -8.88 9.31 -21.91
C ALA A 33 -9.52 9.85 -20.62
N ASP A 34 -9.65 8.99 -19.60
CA ASP A 34 -10.23 9.35 -18.30
C ASP A 34 -9.19 9.86 -17.27
N GLY A 35 -7.90 9.89 -17.63
CA GLY A 35 -6.85 10.40 -16.75
C GLY A 35 -6.10 9.38 -15.90
N TYR A 36 -6.40 8.08 -16.07
CA TYR A 36 -5.74 6.99 -15.33
C TYR A 36 -4.37 6.71 -15.95
N ILE A 37 -3.31 6.85 -15.14
CA ILE A 37 -1.92 6.60 -15.53
C ILE A 37 -1.58 5.14 -15.22
N THR A 38 -1.03 4.40 -16.20
CA THR A 38 -0.65 3.01 -15.94
C THR A 38 0.73 3.05 -15.29
N ILE A 39 0.81 2.66 -14.00
CA ILE A 39 2.08 2.65 -13.26
C ILE A 39 2.68 1.21 -13.25
N PHE A 40 1.88 0.22 -13.68
CA PHE A 40 2.31 -1.17 -13.90
C PHE A 40 1.41 -1.86 -14.96
N ASP A 41 1.99 -2.20 -16.11
N ASP A 41 2.03 -2.15 -16.13
CA ASP A 41 1.28 -2.87 -17.21
CA ASP A 41 1.46 -2.72 -17.36
C ASP A 41 1.75 -4.33 -17.42
C ASP A 41 1.99 -4.17 -17.65
N GLY A 42 2.86 -4.67 -16.78
CA GLY A 42 3.45 -6.01 -16.90
C GLY A 42 4.63 -6.07 -17.84
N LYS A 43 5.13 -4.91 -18.25
CA LYS A 43 6.24 -4.82 -19.20
C LYS A 43 7.55 -4.50 -18.48
N SER A 44 7.51 -3.72 -17.36
CA SER A 44 8.69 -3.32 -16.58
C SER A 44 8.33 -2.89 -15.15
N LEU A 45 9.35 -2.74 -14.29
CA LEU A 45 9.18 -2.24 -12.94
C LEU A 45 9.79 -0.83 -12.78
N ASP A 46 9.85 -0.06 -13.89
CA ASP A 46 10.33 1.34 -13.94
C ASP A 46 9.51 2.21 -13.02
N GLY A 47 10.20 2.97 -12.17
CA GLY A 47 9.56 3.80 -11.15
C GLY A 47 9.41 3.10 -9.81
N TRP A 48 9.45 1.75 -9.81
CA TRP A 48 9.31 0.95 -8.59
C TRP A 48 10.66 0.61 -7.98
N ARG A 49 10.70 0.57 -6.66
CA ARG A 49 11.89 0.16 -5.90
C ARG A 49 11.44 -0.30 -4.53
N GLY A 50 12.31 -1.01 -3.84
CA GLY A 50 12.01 -1.44 -2.49
C GLY A 50 11.90 -0.24 -1.58
N TYR A 51 10.96 -0.30 -0.62
CA TYR A 51 10.80 0.73 0.40
C TYR A 51 12.16 0.84 1.16
N GLY A 52 12.77 2.03 1.13
CA GLY A 52 14.06 2.33 1.75
C GLY A 52 15.27 1.82 1.01
N LYS A 53 15.04 1.25 -0.20
CA LYS A 53 16.07 0.64 -1.05
C LYS A 53 16.25 1.40 -2.38
N ASP A 54 17.38 1.13 -3.07
CA ASP A 54 17.75 1.76 -4.35
C ASP A 54 17.55 0.78 -5.53
N LYS A 55 16.86 -0.33 -5.26
CA LYS A 55 16.56 -1.35 -6.25
C LYS A 55 15.25 -2.08 -5.93
N VAL A 56 14.71 -2.79 -6.91
CA VAL A 56 13.57 -3.70 -6.74
C VAL A 56 14.11 -4.93 -5.97
N PRO A 57 13.55 -5.32 -4.79
CA PRO A 57 14.04 -6.54 -4.13
C PRO A 57 13.85 -7.75 -5.05
N SER A 58 14.81 -8.67 -5.01
CA SER A 58 14.88 -9.88 -5.86
C SER A 58 13.62 -10.77 -5.83
N ARG A 59 12.88 -10.75 -4.71
CA ARG A 59 11.69 -11.58 -4.54
C ARG A 59 10.45 -10.98 -5.23
N TRP A 60 10.53 -9.72 -5.71
CA TRP A 60 9.47 -9.07 -6.50
C TRP A 60 9.83 -9.22 -7.98
N ILE A 61 9.03 -10.01 -8.75
CA ILE A 61 9.31 -10.27 -10.17
C ILE A 61 8.08 -9.99 -11.07
N ILE A 62 8.34 -9.87 -12.37
CA ILE A 62 7.30 -9.74 -13.39
C ILE A 62 7.06 -11.15 -13.95
N GLU A 63 5.93 -11.77 -13.56
CA GLU A 63 5.52 -13.11 -13.94
C GLU A 63 4.25 -13.06 -14.82
N ASP A 64 4.37 -13.37 -16.13
CA ASP A 64 3.25 -13.43 -17.10
C ASP A 64 2.35 -12.14 -17.07
N GLY A 65 2.98 -10.98 -17.18
CA GLY A 65 2.30 -9.67 -17.16
C GLY A 65 1.83 -9.21 -15.79
N CYS A 66 2.18 -9.96 -14.73
CA CYS A 66 1.80 -9.69 -13.34
C CYS A 66 2.99 -9.33 -12.51
N LEU A 67 2.75 -8.53 -11.46
CA LEU A 67 3.74 -8.20 -10.45
C LEU A 67 3.59 -9.25 -9.36
N LYS A 68 4.61 -10.10 -9.19
CA LYS A 68 4.52 -11.21 -8.24
C LYS A 68 5.57 -11.15 -7.11
N PHE A 69 5.11 -11.41 -5.88
CA PHE A 69 5.98 -11.57 -4.72
C PHE A 69 6.18 -13.07 -4.46
N CYS A 70 7.43 -13.50 -4.38
CA CYS A 70 7.79 -14.89 -4.10
C CYS A 70 8.15 -14.99 -2.62
N GLY A 71 7.13 -15.36 -1.84
CA GLY A 71 7.26 -15.49 -0.39
C GLY A 71 7.98 -16.73 0.10
N THR A 72 8.43 -16.65 1.35
CA THR A 72 9.09 -17.77 2.03
C THR A 72 8.26 -18.25 3.23
N GLY A 73 7.11 -17.61 3.49
CA GLY A 73 6.20 -17.97 4.57
C GLY A 73 6.60 -17.52 5.97
N THR A 74 7.30 -16.38 6.08
CA THR A 74 7.81 -15.85 7.34
C THR A 74 6.96 -14.65 7.87
N GLY A 75 5.81 -14.38 7.25
CA GLY A 75 4.90 -13.32 7.67
C GLY A 75 5.55 -11.94 7.68
N GLU A 76 5.52 -11.28 8.83
CA GLU A 76 6.11 -9.95 9.06
C GLU A 76 7.66 -9.98 9.06
N GLY A 77 8.25 -11.16 9.26
CA GLY A 77 9.70 -11.35 9.28
C GLY A 77 10.28 -11.38 7.89
N GLN A 78 10.40 -10.19 7.26
CA GLN A 78 10.87 -10.01 5.88
C GLN A 78 12.34 -10.42 5.73
N THR A 79 12.64 -11.10 4.60
CA THR A 79 13.98 -11.57 4.25
C THR A 79 14.78 -10.40 3.65
N GLY A 80 16.09 -10.59 3.52
CA GLY A 80 17.00 -9.60 2.94
C GLY A 80 16.70 -9.31 1.48
N GLU A 81 16.15 -10.29 0.75
CA GLU A 81 15.79 -10.19 -0.65
C GLU A 81 14.29 -9.84 -0.83
N GLY A 82 13.60 -9.58 0.28
CA GLY A 82 12.19 -9.21 0.31
C GLY A 82 12.02 -7.74 0.66
N GLY A 83 10.94 -7.46 1.39
CA GLY A 83 10.60 -6.11 1.80
C GLY A 83 9.48 -5.59 0.94
N ASP A 84 8.80 -4.56 1.42
CA ASP A 84 7.69 -3.91 0.74
C ASP A 84 8.17 -3.14 -0.50
N LEU A 85 7.32 -3.11 -1.54
CA LEU A 85 7.66 -2.43 -2.79
C LEU A 85 6.84 -1.16 -2.99
N ILE A 86 7.51 -0.04 -3.26
CA ILE A 86 6.82 1.25 -3.52
C ILE A 86 6.97 1.69 -4.98
N PHE A 87 5.96 2.43 -5.47
CA PHE A 87 6.03 3.15 -6.74
C PHE A 87 6.51 4.51 -6.30
N ALA A 88 7.81 4.79 -6.51
CA ALA A 88 8.50 5.96 -5.97
C ALA A 88 8.06 7.34 -6.52
N HIS A 89 6.75 7.59 -6.58
CA HIS A 89 6.13 8.88 -6.92
C HIS A 89 5.13 9.27 -5.83
N LYS A 90 5.32 10.43 -5.19
CA LYS A 90 4.42 10.87 -4.13
C LYS A 90 3.10 11.39 -4.68
N PHE A 91 1.99 10.79 -4.24
CA PHE A 91 0.64 11.22 -4.63
C PHE A 91 -0.04 11.92 -3.46
N LYS A 92 -1.00 12.80 -3.74
CA LYS A 92 -1.76 13.52 -2.73
C LYS A 92 -3.25 13.17 -2.85
N ASN A 93 -3.91 13.70 -3.89
CA ASN A 93 -5.31 13.45 -4.22
C ASN A 93 -5.30 12.57 -5.43
N PHE A 94 -5.78 11.36 -5.28
CA PHE A 94 -5.69 10.36 -6.34
C PHE A 94 -6.74 9.27 -6.20
N GLU A 95 -6.93 8.53 -7.30
CA GLU A 95 -7.76 7.33 -7.28
C GLU A 95 -6.94 6.16 -7.87
N LEU A 96 -6.61 5.17 -7.03
CA LEU A 96 -5.90 3.96 -7.42
C LEU A 96 -6.88 2.82 -7.73
N GLU A 97 -6.62 2.11 -8.82
CA GLU A 97 -7.37 0.93 -9.22
C GLU A 97 -6.38 -0.18 -9.61
N LEU A 98 -6.63 -1.41 -9.13
CA LEU A 98 -5.81 -2.56 -9.50
C LEU A 98 -6.58 -3.86 -9.30
N GLU A 99 -5.96 -4.97 -9.74
CA GLU A 99 -6.43 -6.33 -9.54
C GLU A 99 -5.37 -7.08 -8.78
N TRP A 100 -5.80 -7.89 -7.80
CA TRP A 100 -4.91 -8.73 -7.01
C TRP A 100 -5.42 -10.16 -6.94
N LYS A 101 -4.50 -11.09 -6.81
CA LYS A 101 -4.79 -12.52 -6.66
C LYS A 101 -3.92 -13.02 -5.51
N ILE A 102 -4.55 -13.70 -4.52
CA ILE A 102 -3.81 -14.18 -3.35
C ILE A 102 -3.66 -15.70 -3.40
N SER A 103 -2.54 -16.17 -2.85
CA SER A 103 -2.29 -17.60 -2.67
C SER A 103 -3.14 -18.12 -1.50
N LYS A 104 -3.43 -19.43 -1.46
CA LYS A 104 -4.17 -20.07 -0.36
C LYS A 104 -3.48 -19.78 1.00
N GLY A 105 -4.24 -19.29 1.96
CA GLY A 105 -3.78 -18.90 3.29
C GLY A 105 -2.81 -17.72 3.26
N GLY A 106 -2.90 -16.90 2.22
CA GLY A 106 -2.02 -15.77 1.99
C GLY A 106 -2.48 -14.43 2.54
N ASN A 107 -1.50 -13.55 2.72
CA ASN A 107 -1.64 -12.22 3.24
C ASN A 107 -0.69 -11.26 2.50
N SER A 108 -1.22 -10.10 2.12
CA SER A 108 -0.44 -8.99 1.56
C SER A 108 -1.21 -7.71 1.89
N GLY A 109 -1.03 -6.66 1.10
CA GLY A 109 -1.70 -5.40 1.36
C GLY A 109 -1.25 -4.29 0.44
N ILE A 110 -2.04 -3.22 0.38
CA ILE A 110 -1.74 -2.04 -0.41
C ILE A 110 -1.58 -0.88 0.54
N PHE A 111 -0.37 -0.28 0.53
CA PHE A 111 -0.06 0.90 1.34
C PHE A 111 -0.28 2.16 0.50
N TYR A 112 -0.66 3.26 1.14
CA TYR A 112 -0.87 4.56 0.47
C TYR A 112 -0.49 5.69 1.42
N LEU A 113 -0.10 6.85 0.84
CA LEU A 113 0.39 8.03 1.57
C LEU A 113 1.60 7.69 2.44
N ALA A 114 2.38 6.67 2.00
CA ALA A 114 3.54 6.18 2.72
C ALA A 114 4.72 7.15 2.67
N GLN A 115 5.46 7.21 3.78
CA GLN A 115 6.69 8.01 3.91
C GLN A 115 7.88 7.09 4.18
N GLU A 116 9.07 7.44 3.65
CA GLU A 116 10.28 6.70 3.98
C GLU A 116 10.79 7.33 5.26
N VAL A 117 10.62 6.62 6.38
CA VAL A 117 10.97 7.13 7.70
C VAL A 117 12.17 6.39 8.28
N THR A 118 13.14 7.18 8.78
CA THR A 118 14.32 6.71 9.48
C THR A 118 14.32 7.32 10.87
N SER A 119 14.93 6.61 11.82
CA SER A 119 15.09 7.04 13.21
C SER A 119 16.53 6.74 13.67
N LYS A 120 17.07 7.57 14.58
CA LYS A 120 18.42 7.41 15.13
C LYS A 120 18.40 6.43 16.30
N ASP A 121 19.31 5.42 16.30
CA ASP A 121 19.41 4.42 17.37
C ASP A 121 20.31 4.92 18.54
N LYS A 122 20.70 4.01 19.47
CA LYS A 122 21.53 4.30 20.64
C LYS A 122 22.93 4.85 20.26
N ASP A 123 23.61 4.20 19.28
CA ASP A 123 24.95 4.59 18.79
C ASP A 123 24.87 5.75 17.75
N GLY A 124 23.66 6.25 17.48
CA GLY A 124 23.41 7.35 16.55
C GLY A 124 23.22 6.95 15.11
N ASN A 125 23.20 5.63 14.83
CA ASN A 125 23.04 5.06 13.48
C ASN A 125 21.60 5.22 12.96
N GLU A 126 21.48 5.48 11.65
CA GLU A 126 20.21 5.64 10.93
C GLU A 126 19.53 4.27 10.77
N VAL A 127 18.30 4.14 11.29
CA VAL A 127 17.53 2.90 11.25
C VAL A 127 16.25 3.13 10.42
N LEU A 128 15.96 2.22 9.48
CA LEU A 128 14.79 2.29 8.63
C LEU A 128 13.55 1.79 9.40
N GLU A 129 12.54 2.67 9.53
CA GLU A 129 11.29 2.34 10.22
C GLU A 129 10.31 1.68 9.24
N PRO A 130 9.40 0.80 9.70
CA PRO A 130 8.48 0.14 8.75
C PRO A 130 7.52 1.10 8.03
N ILE A 131 7.13 0.68 6.82
CA ILE A 131 6.20 1.44 5.98
C ILE A 131 4.86 1.64 6.71
N TYR A 132 4.42 0.64 7.50
CA TYR A 132 3.12 0.66 8.15
C TYR A 132 3.04 1.65 9.33
N ILE A 133 4.16 2.25 9.77
CA ILE A 133 4.08 3.22 10.89
C ILE A 133 3.68 4.62 10.33
N SER A 134 3.65 4.77 9.01
CA SER A 134 3.26 6.04 8.39
C SER A 134 2.08 5.86 7.39
N ALA A 135 1.92 4.64 6.84
CA ALA A 135 0.95 4.37 5.78
C ALA A 135 -0.28 3.55 6.16
N PRO A 136 -1.49 4.09 5.91
CA PRO A 136 -2.71 3.27 6.03
C PRO A 136 -2.64 2.08 5.07
N GLU A 137 -3.28 0.98 5.47
CA GLU A 137 -3.21 -0.25 4.71
C GLU A 137 -4.57 -0.76 4.33
N PHE A 138 -4.68 -1.13 3.04
CA PHE A 138 -5.82 -1.81 2.44
C PHE A 138 -5.43 -3.29 2.52
N GLN A 139 -6.15 -4.06 3.35
CA GLN A 139 -5.83 -5.47 3.58
C GLN A 139 -6.05 -6.36 2.32
N VAL A 140 -5.07 -7.23 2.00
CA VAL A 140 -5.13 -8.22 0.91
C VAL A 140 -5.06 -9.58 1.63
N LEU A 141 -6.11 -10.42 1.49
CA LEU A 141 -6.15 -11.64 2.28
C LEU A 141 -6.95 -12.77 1.69
N ASP A 142 -6.56 -14.02 2.05
CA ASP A 142 -7.37 -15.21 1.88
C ASP A 142 -8.21 -15.28 3.15
N ASN A 143 -9.40 -14.68 3.11
CA ASN A 143 -10.35 -14.58 4.22
C ASN A 143 -10.77 -15.91 4.79
N ALA A 144 -10.81 -16.98 3.97
CA ALA A 144 -11.23 -18.30 4.39
C ALA A 144 -10.13 -19.09 5.13
N ASN A 145 -8.85 -18.85 4.84
CA ASN A 145 -7.79 -19.67 5.41
C ASN A 145 -6.72 -18.93 6.22
N HIS A 146 -6.56 -17.61 6.05
CA HIS A 146 -5.57 -16.91 6.88
C HIS A 146 -6.17 -16.58 8.27
N PRO A 147 -5.46 -16.94 9.40
CA PRO A 147 -5.99 -16.69 10.75
C PRO A 147 -6.29 -15.22 11.10
N ASP A 148 -5.64 -14.27 10.42
CA ASP A 148 -5.90 -12.85 10.63
C ASP A 148 -7.37 -12.50 10.37
N ALA A 149 -8.06 -13.30 9.51
CA ALA A 149 -9.50 -13.11 9.19
C ALA A 149 -10.40 -13.23 10.42
N LYS A 150 -9.91 -13.94 11.45
CA LYS A 150 -10.62 -14.17 12.71
C LYS A 150 -10.12 -13.25 13.83
N LEU A 151 -9.05 -12.47 13.59
CA LEU A 151 -8.51 -11.60 14.63
C LEU A 151 -9.07 -10.17 14.51
N GLY A 152 -8.62 -9.28 15.39
CA GLY A 152 -9.11 -7.90 15.43
C GLY A 152 -10.53 -7.83 15.94
N LYS A 153 -11.32 -6.91 15.38
CA LYS A 153 -12.70 -6.67 15.79
C LYS A 153 -13.60 -6.54 14.58
N ASP A 154 -14.77 -7.21 14.59
CA ASP A 154 -15.81 -7.13 13.56
C ASP A 154 -15.26 -7.33 12.12
N ASN A 155 -14.32 -8.28 11.94
CA ASN A 155 -13.69 -8.62 10.65
C ASN A 155 -12.88 -7.45 10.04
N ASN A 156 -12.31 -6.56 10.87
CA ASN A 156 -11.56 -5.40 10.36
C ASN A 156 -10.14 -5.79 9.89
N ARG A 157 -9.81 -7.10 9.82
CA ARG A 157 -8.52 -7.56 9.28
C ARG A 157 -8.74 -8.43 8.04
N GLN A 158 -9.96 -8.40 7.47
CA GLN A 158 -10.29 -9.14 6.25
C GLN A 158 -10.07 -8.26 5.00
N ALA A 159 -9.95 -8.88 3.80
CA ALA A 159 -9.66 -8.20 2.55
C ALA A 159 -10.44 -6.90 2.36
N ALA A 160 -9.72 -5.82 1.96
CA ALA A 160 -10.19 -4.44 1.63
C ALA A 160 -10.49 -3.57 2.85
N SER A 161 -10.32 -4.13 4.06
CA SER A 161 -10.49 -3.36 5.29
C SER A 161 -9.37 -2.35 5.41
N LEU A 162 -9.60 -1.28 6.21
CA LEU A 162 -8.54 -0.40 6.68
C LEU A 162 -7.98 -1.21 7.83
N TYR A 163 -6.85 -1.90 7.60
CA TYR A 163 -6.27 -2.90 8.48
C TYR A 163 -6.35 -2.57 9.97
N ASP A 164 -7.07 -3.43 10.73
CA ASP A 164 -7.31 -3.37 12.18
C ASP A 164 -8.06 -2.07 12.62
N MSE A 165 -8.77 -1.38 11.70
CA MSE A 165 -9.49 -0.15 12.07
C MSE A 165 -10.93 -0.15 11.59
O MSE A 165 -11.83 0.15 12.37
CB MSE A 165 -8.79 1.08 11.47
CG MSE A 165 -7.30 1.12 11.80
SE MSE A 165 -6.74 2.90 12.15
CE MSE A 165 -6.11 2.69 13.66
N ILE A 166 -11.13 -0.39 10.29
CA ILE A 166 -12.46 -0.34 9.71
C ILE A 166 -12.65 -1.54 8.83
N PRO A 167 -13.71 -2.34 9.05
CA PRO A 167 -13.96 -3.47 8.16
C PRO A 167 -14.58 -3.07 6.83
N ALA A 168 -14.37 -3.92 5.83
CA ALA A 168 -14.99 -3.82 4.52
C ALA A 168 -16.40 -4.35 4.67
N VAL A 169 -17.40 -3.50 4.42
CA VAL A 169 -18.82 -3.87 4.49
C VAL A 169 -19.44 -3.42 3.16
N PRO A 170 -19.87 -4.32 2.25
CA PRO A 170 -19.89 -5.79 2.37
C PRO A 170 -18.52 -6.45 2.18
N GLN A 171 -18.36 -7.66 2.74
CA GLN A 171 -17.15 -8.44 2.57
C GLN A 171 -17.39 -9.33 1.33
N ASN A 172 -17.12 -8.76 0.14
CA ASN A 172 -17.35 -9.38 -1.18
C ASN A 172 -16.06 -9.88 -1.86
N ALA A 173 -15.00 -10.22 -1.10
CA ALA A 173 -13.78 -10.76 -1.72
C ALA A 173 -14.06 -12.13 -2.34
N LYS A 174 -13.47 -12.39 -3.50
CA LYS A 174 -13.56 -13.67 -4.20
C LYS A 174 -12.53 -14.60 -3.54
N PRO A 175 -12.67 -15.95 -3.59
CA PRO A 175 -11.69 -16.81 -2.90
C PRO A 175 -10.26 -16.72 -3.47
N PHE A 176 -9.32 -17.43 -2.82
CA PHE A 176 -7.90 -17.47 -3.21
C PHE A 176 -7.79 -17.99 -4.66
N GLY A 177 -6.84 -17.45 -5.43
CA GLY A 177 -6.64 -17.89 -6.81
C GLY A 177 -7.57 -17.24 -7.81
N GLU A 178 -8.42 -16.32 -7.36
CA GLU A 178 -9.33 -15.56 -8.20
C GLU A 178 -8.91 -14.09 -8.16
N TRP A 179 -9.10 -13.37 -9.27
CA TRP A 179 -8.75 -11.95 -9.40
C TRP A 179 -9.80 -11.10 -8.73
N ASN A 180 -9.35 -10.24 -7.81
CA ASN A 180 -10.18 -9.28 -7.10
C ASN A 180 -9.85 -7.88 -7.55
N LYS A 181 -10.88 -7.03 -7.71
CA LYS A 181 -10.64 -5.61 -8.01
C LYS A 181 -10.52 -4.87 -6.71
N ALA A 182 -9.61 -3.91 -6.65
CA ALA A 182 -9.37 -3.02 -5.52
C ALA A 182 -9.41 -1.56 -5.98
N LYS A 183 -9.90 -0.70 -5.11
CA LYS A 183 -9.95 0.75 -5.36
C LYS A 183 -9.56 1.49 -4.07
N ILE A 184 -8.70 2.50 -4.20
CA ILE A 184 -8.34 3.40 -3.10
C ILE A 184 -8.42 4.82 -3.62
N MSE A 185 -9.35 5.60 -3.09
CA MSE A 185 -9.46 7.01 -3.44
C MSE A 185 -9.11 7.89 -2.27
O MSE A 185 -9.68 7.73 -1.20
CB MSE A 185 -10.83 7.36 -3.96
CG MSE A 185 -10.88 8.81 -4.46
SE MSE A 185 -12.60 9.59 -4.26
CE MSE A 185 -12.68 9.69 -2.30
N VAL A 186 -8.16 8.81 -2.44
CA VAL A 186 -7.84 9.81 -1.43
C VAL A 186 -8.19 11.18 -2.08
N TYR A 187 -9.18 11.91 -1.53
CA TYR A 187 -9.54 13.21 -2.08
C TYR A 187 -9.72 14.16 -0.95
N LYS A 188 -8.73 15.03 -0.77
CA LYS A 188 -8.76 16.09 0.24
C LYS A 188 -9.14 15.54 1.64
N GLY A 189 -8.53 14.41 2.01
CA GLY A 189 -8.78 13.76 3.28
C GLY A 189 -9.89 12.75 3.31
N THR A 190 -10.78 12.75 2.29
CA THR A 190 -11.84 11.73 2.20
C THR A 190 -11.24 10.49 1.58
N VAL A 191 -11.31 9.36 2.33
CA VAL A 191 -10.78 8.08 1.85
C VAL A 191 -11.92 7.09 1.64
N VAL A 192 -11.95 6.46 0.46
CA VAL A 192 -12.92 5.41 0.10
C VAL A 192 -12.13 4.16 -0.32
N HIS A 193 -12.47 3.01 0.24
CA HIS A 193 -11.95 1.72 -0.23
C HIS A 193 -13.03 1.08 -1.09
N GLY A 194 -12.66 0.57 -2.24
CA GLY A 194 -13.57 -0.16 -3.11
C GLY A 194 -13.09 -1.59 -3.30
N GLN A 195 -14.01 -2.53 -3.51
CA GLN A 195 -13.67 -3.94 -3.80
C GLN A 195 -14.75 -4.52 -4.70
N ASN A 196 -14.33 -5.16 -5.80
CA ASN A 196 -15.19 -5.82 -6.79
C ASN A 196 -16.44 -4.99 -7.13
N ASP A 197 -16.20 -3.75 -7.60
CA ASP A 197 -17.16 -2.73 -8.07
C ASP A 197 -18.14 -2.22 -6.99
N GLU A 198 -17.74 -2.28 -5.71
CA GLU A 198 -18.54 -1.74 -4.61
C GLU A 198 -17.68 -0.97 -3.63
N ASN A 199 -18.23 0.12 -3.07
CA ASN A 199 -17.57 0.90 -2.01
C ASN A 199 -17.76 0.12 -0.72
N VAL A 200 -16.65 -0.19 -0.01
CA VAL A 200 -16.77 -1.06 1.19
C VAL A 200 -16.51 -0.32 2.50
N LEU A 201 -16.02 0.92 2.43
CA LEU A 201 -15.80 1.78 3.61
C LEU A 201 -15.39 3.18 3.18
N GLU A 202 -15.55 4.13 4.10
CA GLU A 202 -15.13 5.51 3.92
C GLU A 202 -14.73 6.10 5.26
N TYR A 203 -13.73 6.97 5.26
CA TYR A 203 -13.28 7.64 6.49
C TYR A 203 -12.63 8.95 6.11
N HIS A 204 -12.29 9.75 7.10
CA HIS A 204 -11.72 11.07 6.94
C HIS A 204 -10.44 11.22 7.74
N LEU A 205 -9.35 11.61 7.05
CA LEU A 205 -8.06 11.85 7.68
C LEU A 205 -8.02 13.18 8.42
N TRP A 206 -7.10 13.30 9.39
CA TRP A 206 -6.72 14.49 10.17
C TRP A 206 -7.89 15.11 10.94
N THR A 207 -8.87 14.27 11.32
CA THR A 207 -10.03 14.66 12.12
C THR A 207 -9.91 14.11 13.55
N LYS A 208 -10.87 14.50 14.42
CA LYS A 208 -10.99 14.03 15.80
C LYS A 208 -11.25 12.51 15.81
N GLN A 209 -12.10 12.00 14.86
CA GLN A 209 -12.42 10.57 14.74
C GLN A 209 -11.21 9.75 14.30
N TRP A 210 -10.37 10.32 13.40
CA TRP A 210 -9.14 9.70 12.92
C TRP A 210 -8.18 9.51 14.10
N THR A 211 -7.96 10.58 14.88
CA THR A 211 -7.12 10.55 16.08
C THR A 211 -7.63 9.49 17.08
N GLU A 212 -8.96 9.48 17.38
CA GLU A 212 -9.48 8.51 18.36
C GLU A 212 -9.40 7.07 17.81
N MSE A 213 -9.44 6.87 16.47
CA MSE A 213 -9.24 5.56 15.86
C MSE A 213 -7.78 5.08 16.08
O MSE A 213 -7.53 3.91 16.36
CB MSE A 213 -9.54 5.60 14.38
CG MSE A 213 -10.90 5.10 14.03
SE MSE A 213 -10.99 4.84 12.12
CE MSE A 213 -11.49 6.63 11.64
N LEU A 214 -6.83 6.02 15.98
CA LEU A 214 -5.41 5.73 16.17
C LEU A 214 -5.12 5.43 17.65
N GLN A 215 -5.84 6.09 18.58
CA GLN A 215 -5.65 5.89 20.01
C GLN A 215 -6.17 4.51 20.48
N ALA A 216 -7.07 3.88 19.71
CA ALA A 216 -7.61 2.53 19.96
C ALA A 216 -6.90 1.45 19.09
N SER A 217 -5.72 1.78 18.50
CA SER A 217 -4.94 0.85 17.66
C SER A 217 -3.57 0.54 18.24
N LYS A 218 -2.71 -0.17 17.46
CA LYS A 218 -1.34 -0.52 17.86
C LYS A 218 -0.43 0.70 17.76
N PHE A 219 -0.92 1.74 17.05
CA PHE A 219 -0.13 2.94 16.78
C PHE A 219 -0.61 4.13 17.61
N SER A 220 -1.12 3.85 18.83
CA SER A 220 -1.57 4.85 19.80
C SER A 220 -0.41 5.71 20.28
N GLU A 221 -0.72 6.90 20.84
CA GLU A 221 0.29 7.84 21.35
C GLU A 221 1.16 7.19 22.42
N GLU A 222 0.56 6.36 23.28
CA GLU A 222 1.23 5.67 24.39
C GLU A 222 2.08 4.48 23.93
N LYS A 223 1.57 3.65 22.97
CA LYS A 223 2.26 2.45 22.48
C LYS A 223 3.38 2.73 21.47
N TRP A 224 3.16 3.64 20.52
CA TRP A 224 4.12 3.94 19.46
C TRP A 224 4.11 5.46 19.16
N PRO A 225 4.83 6.28 19.94
CA PRO A 225 4.79 7.75 19.72
C PRO A 225 5.17 8.20 18.30
N LEU A 226 6.17 7.55 17.66
CA LEU A 226 6.59 7.91 16.31
C LEU A 226 5.50 7.57 15.31
N ALA A 227 4.92 6.35 15.37
CA ALA A 227 3.83 5.91 14.50
C ALA A 227 2.60 6.80 14.72
N PHE A 228 2.36 7.25 15.96
CA PHE A 228 1.22 8.10 16.25
C PHE A 228 1.37 9.44 15.55
N GLU A 229 2.52 10.14 15.71
CA GLU A 229 2.69 11.46 15.10
C GLU A 229 2.71 11.39 13.55
N LEU A 230 3.22 10.30 12.98
CA LEU A 230 3.25 10.12 11.52
C LEU A 230 1.86 9.87 10.97
N LEU A 231 1.09 8.93 11.59
CA LEU A 231 -0.25 8.59 11.11
C LEU A 231 -1.27 9.67 11.46
N ASN A 232 -1.12 10.35 12.62
CA ASN A 232 -2.03 11.43 13.01
C ASN A 232 -1.94 12.60 12.03
N ASN A 233 -0.71 12.86 11.51
CA ASN A 233 -0.51 13.85 10.46
C ASN A 233 -0.18 13.08 9.16
N CYS A 234 -1.04 12.11 8.81
CA CYS A 234 -0.83 11.22 7.65
C CYS A 234 -0.42 11.97 6.38
N GLY A 235 0.69 11.52 5.78
CA GLY A 235 1.25 12.09 4.56
C GLY A 235 2.28 13.19 4.81
N GLY A 236 2.58 13.47 6.08
CA GLY A 236 3.50 14.52 6.47
C GLY A 236 2.91 15.91 6.26
N GLU A 237 3.79 16.93 6.26
CA GLU A 237 3.39 18.34 6.11
C GLU A 237 2.67 18.62 4.76
N ASN A 238 2.98 17.85 3.70
CA ASN A 238 2.38 18.04 2.40
C ASN A 238 1.19 17.09 2.14
N HIS A 239 0.84 16.22 3.12
CA HIS A 239 -0.29 15.25 3.04
C HIS A 239 -0.19 14.42 1.74
N GLU A 240 1.00 13.91 1.47
CA GLU A 240 1.28 13.12 0.28
C GLU A 240 2.13 11.91 0.62
N GLY A 241 2.19 10.95 -0.29
CA GLY A 241 3.03 9.79 -0.07
C GLY A 241 2.97 8.75 -1.15
N PHE A 242 3.68 7.65 -0.96
CA PHE A 242 3.74 6.58 -1.95
C PHE A 242 2.66 5.54 -1.80
N ILE A 243 2.31 4.94 -2.93
CA ILE A 243 1.51 3.74 -3.05
C ILE A 243 2.55 2.60 -3.02
N GLY A 244 2.31 1.58 -2.21
CA GLY A 244 3.17 0.41 -2.13
C GLY A 244 2.38 -0.86 -1.96
N VAL A 245 3.03 -2.01 -2.11
CA VAL A 245 2.47 -3.35 -1.93
C VAL A 245 3.33 -4.12 -0.95
N GLN A 246 2.67 -4.90 -0.11
CA GLN A 246 3.29 -5.55 1.04
C GLN A 246 3.92 -6.92 0.82
N ASP A 247 5.13 -7.08 1.43
CA ASP A 247 5.81 -8.36 1.66
C ASP A 247 5.29 -8.87 3.02
N HIS A 248 4.33 -9.82 2.99
CA HIS A 248 3.89 -10.45 4.24
C HIS A 248 4.24 -11.96 4.16
N GLY A 249 5.33 -12.26 3.44
CA GLY A 249 5.89 -13.60 3.27
C GLY A 249 5.11 -14.58 2.40
N ASP A 250 4.06 -14.13 1.72
CA ASP A 250 3.19 -14.99 0.90
C ASP A 250 3.13 -14.57 -0.55
N ASP A 251 3.02 -15.57 -1.45
CA ASP A 251 2.85 -15.36 -2.89
C ASP A 251 1.59 -14.55 -3.15
N VAL A 252 1.73 -13.49 -3.92
CA VAL A 252 0.64 -12.60 -4.25
C VAL A 252 0.94 -12.04 -5.63
N TRP A 253 -0.11 -11.86 -6.45
CA TRP A 253 -0.03 -11.31 -7.80
C TRP A 253 -0.82 -10.01 -7.87
N TYR A 254 -0.27 -9.00 -8.56
CA TYR A 254 -0.94 -7.74 -8.87
C TYR A 254 -0.86 -7.48 -10.37
N ARG A 255 -1.87 -6.82 -10.92
CA ARG A 255 -1.86 -6.43 -12.33
C ARG A 255 -2.71 -5.19 -12.55
N ASN A 256 -2.55 -4.60 -13.77
CA ASN A 256 -3.29 -3.44 -14.24
CA ASN A 256 -3.25 -3.42 -14.27
C ASN A 256 -3.37 -2.34 -13.16
N ILE A 257 -2.20 -1.90 -12.67
CA ILE A 257 -2.09 -0.89 -11.61
C ILE A 257 -2.13 0.48 -12.31
N ARG A 258 -3.22 1.21 -12.05
CA ARG A 258 -3.45 2.52 -12.66
CA ARG A 258 -3.50 2.52 -12.66
C ARG A 258 -3.87 3.57 -11.60
N VAL A 259 -3.42 4.83 -11.78
CA VAL A 259 -3.70 5.92 -10.84
C VAL A 259 -4.17 7.15 -11.61
N LYS A 260 -5.28 7.73 -11.17
CA LYS A 260 -5.76 9.00 -11.69
C LYS A 260 -5.46 10.07 -10.63
N VAL A 261 -4.80 11.17 -11.05
CA VAL A 261 -4.51 12.33 -10.18
C VAL A 261 -5.81 13.15 -10.09
N LEU A 262 -6.27 13.43 -8.86
CA LEU A 262 -7.52 14.16 -8.68
C LEU A 262 -7.26 15.63 -8.38
N ASP A 263 -7.93 16.52 -9.10
CA ASP A 263 -7.72 17.96 -8.92
C ASP A 263 -8.87 18.62 -8.15
C1 EDO B . 4.73 -18.78 1.12
O1 EDO B . 3.87 -18.70 2.25
C2 EDO B . 3.90 -19.12 -0.16
O2 EDO B . 2.81 -18.22 -0.27
C1 EDO C . -15.64 7.36 -5.02
O1 EDO C . -14.64 6.80 -5.87
C2 EDO C . -17.01 7.35 -5.78
O2 EDO C . -17.57 6.03 -5.89
C1 EDO D . -6.68 -20.38 12.17
O1 EDO D . -6.24 -21.45 12.99
C2 EDO D . -6.69 -20.78 10.67
O2 EDO D . -7.73 -20.10 9.97
C1 PGE E . 0.22 -6.59 8.41
O1 PGE E . -1.02 -6.58 7.70
C2 PGE E . 0.75 -5.22 8.75
O2 PGE E . 0.39 -4.87 10.08
C3 PGE E . 0.73 -3.53 10.42
C4 PGE E . -0.48 -2.66 10.59
O4 PGE E . -0.48 1.25 8.95
C6 PGE E . -0.80 -0.03 8.39
C5 PGE E . -1.54 -0.92 9.34
O3 PGE E . -0.99 -2.23 9.32
C1 PEG F . -17.73 1.26 -6.68
O1 PEG F . -18.41 2.26 -7.44
C2 PEG F . -16.24 1.38 -6.81
O2 PEG F . -15.57 0.25 -6.28
C3 PEG F . -14.52 -0.20 -7.15
C4 PEG F . -13.95 -1.48 -6.65
O4 PEG F . -13.26 -2.17 -7.67
#